data_3QC0
#
_entry.id   3QC0
#
_cell.length_a   70.796
_cell.length_b   70.796
_cell.length_c   264.721
_cell.angle_alpha   90.000
_cell.angle_beta   90.000
_cell.angle_gamma   120.000
#
_symmetry.space_group_name_H-M   'P 61 2 2'
#
loop_
_entity.id
_entity.type
_entity.pdbx_description
1 polymer 'sugar isomerase'
2 non-polymer 'UNKNOWN LIGAND'
3 non-polymer 'ZINC ION'
4 non-polymer 'TETRAETHYLENE GLYCOL'
5 water water
#
_entity_poly.entity_id   1
_entity_poly.type   'polypeptide(L)'
_entity_poly.pdbx_seq_one_letter_code
;G(MSE)QVEGLSINLATIREQCGFAEAVDICLKHGITAIAPWRDQVAAIGLGEAGRIVRANGLKLTGLCRGGFFPAPDAS
GREKAIDDNRRAVDEAAELGADCLVLVAGGLPGGSKNIDAARR(MSE)VVEGIAAVLPHARAAGVPLAIEPLHP(MSE)Y
AADRACVNTLGQALDICETLGPGVGVAIDVYHVWWDPDLANQIARAGK(MSE)KAILAHHICDWLVPTKD(MSE)LTDRG
(MSE)(MSE)GDGVIDLKGIRRRIEAAGFHGAQEVEIFSADNWWKRPADEVIATCVERYRNCC
;
_entity_poly.pdbx_strand_id   A
#
# COMPACT_ATOMS: atom_id res chain seq x y z
N GLN A 3 -24.36 -0.90 4.11
CA GLN A 3 -22.98 -0.76 3.60
C GLN A 3 -22.14 0.13 4.55
N VAL A 4 -20.87 -0.23 4.74
CA VAL A 4 -19.93 0.65 5.45
C VAL A 4 -19.20 1.45 4.39
N GLU A 5 -19.69 2.65 4.11
CA GLU A 5 -19.15 3.50 3.07
C GLU A 5 -17.77 4.02 3.52
N GLY A 6 -16.85 4.04 2.57
CA GLY A 6 -15.48 4.61 2.76
C GLY A 6 -14.44 3.77 3.47
N LEU A 7 -14.73 2.50 3.75
CA LEU A 7 -13.83 1.58 4.44
C LEU A 7 -13.36 0.46 3.48
N SER A 8 -12.06 0.21 3.45
CA SER A 8 -11.44 -0.90 2.74
C SER A 8 -10.64 -1.70 3.75
N ILE A 9 -10.51 -3.00 3.53
CA ILE A 9 -9.66 -3.86 4.37
C ILE A 9 -8.50 -4.37 3.53
N ASN A 10 -7.28 -4.01 3.91
CA ASN A 10 -6.10 -4.62 3.36
C ASN A 10 -6.06 -6.02 3.98
N LEU A 11 -5.99 -7.05 3.14
CA LEU A 11 -6.16 -8.41 3.63
C LEU A 11 -5.02 -8.90 4.48
N ALA A 12 -3.93 -8.12 4.60
CA ALA A 12 -2.93 -8.46 5.59
C ALA A 12 -3.54 -8.47 6.99
N THR A 13 -4.56 -7.65 7.19
CA THR A 13 -5.20 -7.50 8.50
C THR A 13 -5.72 -8.82 9.06
N ILE A 14 -6.14 -9.71 8.17
CA ILE A 14 -6.66 -11.04 8.59
C ILE A 14 -5.93 -12.14 7.84
N ARG A 15 -4.63 -11.95 7.62
CA ARG A 15 -3.85 -12.83 6.77
C ARG A 15 -3.60 -14.20 7.39
N GLU A 16 -3.59 -14.30 8.72
CA GLU A 16 -3.32 -15.58 9.36
C GLU A 16 -4.58 -16.44 9.35
N GLN A 17 -5.74 -15.76 9.35
CA GLN A 17 -7.04 -16.41 9.53
C GLN A 17 -7.70 -16.82 8.24
N CYS A 18 -7.43 -16.10 7.16
CA CYS A 18 -8.22 -16.19 5.95
C CYS A 18 -7.38 -16.13 4.71
N GLY A 19 -7.67 -17.01 3.76
CA GLY A 19 -7.22 -16.81 2.41
C GLY A 19 -8.15 -15.84 1.71
N PHE A 20 -7.94 -15.65 0.42
CA PHE A 20 -8.64 -14.59 -0.32
C PHE A 20 -10.16 -14.70 -0.31
N ALA A 21 -10.71 -15.88 -0.64
CA ALA A 21 -12.14 -16.02 -0.70
C ALA A 21 -12.85 -15.81 0.62
N GLU A 22 -12.28 -16.38 1.69
CA GLU A 22 -12.88 -16.23 3.02
C GLU A 22 -12.77 -14.79 3.51
N ALA A 23 -11.63 -14.17 3.24
CA ALA A 23 -11.45 -12.77 3.59
C ALA A 23 -12.52 -11.90 2.92
N VAL A 24 -12.76 -12.14 1.64
CA VAL A 24 -13.78 -11.38 0.95
C VAL A 24 -15.17 -11.63 1.56
N ASP A 25 -15.45 -12.91 1.85
CA ASP A 25 -16.73 -13.32 2.45
C ASP A 25 -17.00 -12.55 3.76
N ILE A 26 -16.02 -12.56 4.66
CA ILE A 26 -16.21 -11.86 5.95
C ILE A 26 -16.34 -10.37 5.76
N CYS A 27 -15.54 -9.79 4.86
N CYS A 27 -15.54 -9.79 4.86
CA CYS A 27 -15.68 -8.37 4.57
CA CYS A 27 -15.71 -8.37 4.51
C CYS A 27 -17.10 -8.03 4.04
C CYS A 27 -17.13 -8.07 4.08
N LEU A 28 -17.64 -8.86 3.14
CA LEU A 28 -18.99 -8.62 2.62
C LEU A 28 -20.09 -8.83 3.69
N LYS A 29 -19.87 -9.81 4.58
CA LYS A 29 -20.77 -10.05 5.75
C LYS A 29 -20.87 -8.79 6.63
N HIS A 30 -19.81 -7.96 6.63
CA HIS A 30 -19.85 -6.71 7.40
C HIS A 30 -20.13 -5.46 6.58
N GLY A 31 -20.57 -5.62 5.34
CA GLY A 31 -20.91 -4.45 4.53
C GLY A 31 -19.71 -3.76 3.88
N ILE A 32 -18.58 -4.48 3.84
CA ILE A 32 -17.34 -3.88 3.29
C ILE A 32 -17.22 -4.35 1.84
N THR A 33 -17.15 -3.40 0.91
CA THR A 33 -17.00 -3.72 -0.51
C THR A 33 -15.70 -3.28 -1.17
N ALA A 34 -14.68 -3.01 -0.35
CA ALA A 34 -13.39 -2.63 -0.88
C ALA A 34 -12.33 -3.37 -0.08
N ILE A 35 -11.33 -3.87 -0.78
CA ILE A 35 -10.25 -4.66 -0.22
C ILE A 35 -8.93 -4.21 -0.85
N ALA A 36 -7.85 -4.65 -0.24
CA ALA A 36 -6.52 -4.58 -0.85
C ALA A 36 -5.83 -5.90 -0.58
N PRO A 37 -5.85 -6.81 -1.56
CA PRO A 37 -5.17 -8.07 -1.40
C PRO A 37 -3.68 -7.98 -1.73
N TRP A 38 -2.97 -9.02 -1.33
CA TRP A 38 -1.58 -9.17 -1.63
C TRP A 38 -1.37 -10.19 -2.74
N ARG A 39 -0.24 -10.07 -3.44
CA ARG A 39 -0.01 -10.88 -4.61
C ARG A 39 0.08 -12.37 -4.29
N ASP A 40 0.60 -12.69 -3.11
CA ASP A 40 0.72 -14.11 -2.69
C ASP A 40 -0.65 -14.69 -2.45
N GLN A 41 -1.56 -13.89 -1.89
CA GLN A 41 -2.94 -14.33 -1.65
C GLN A 41 -3.66 -14.57 -2.95
N VAL A 42 -3.48 -13.66 -3.91
CA VAL A 42 -4.06 -13.82 -5.24
C VAL A 42 -3.50 -15.06 -5.93
N ALA A 43 -2.20 -15.29 -5.81
CA ALA A 43 -1.56 -16.43 -6.46
C ALA A 43 -2.06 -17.72 -5.85
N ALA A 44 -2.29 -17.73 -4.54
CA ALA A 44 -2.72 -18.99 -3.87
C ALA A 44 -4.11 -19.47 -4.33
N ILE A 45 -5.02 -18.54 -4.62
CA ILE A 45 -6.36 -18.83 -5.15
C ILE A 45 -6.38 -18.93 -6.68
N GLY A 46 -5.51 -18.15 -7.32
CA GLY A 46 -5.40 -18.03 -8.75
C GLY A 46 -5.96 -16.71 -9.23
N LEU A 47 -5.19 -16.01 -10.07
CA LEU A 47 -5.61 -14.70 -10.54
C LEU A 47 -6.97 -14.70 -11.22
N GLY A 48 -7.28 -15.74 -11.99
CA GLY A 48 -8.57 -15.77 -12.67
C GLY A 48 -9.74 -15.86 -11.72
N GLU A 49 -9.62 -16.73 -10.72
CA GLU A 49 -10.66 -16.86 -9.71
C GLU A 49 -10.76 -15.60 -8.88
N ALA A 50 -9.61 -15.01 -8.53
CA ALA A 50 -9.68 -13.79 -7.78
C ALA A 50 -10.45 -12.72 -8.55
N GLY A 51 -10.17 -12.54 -9.83
CA GLY A 51 -10.88 -11.52 -10.62
C GLY A 51 -12.37 -11.84 -10.79
N ARG A 52 -12.69 -13.13 -10.89
CA ARG A 52 -14.10 -13.52 -10.99
C ARG A 52 -14.86 -13.10 -9.72
N ILE A 53 -14.26 -13.37 -8.55
CA ILE A 53 -14.83 -12.97 -7.26
C ILE A 53 -14.97 -11.46 -7.19
N VAL A 54 -13.89 -10.75 -7.57
CA VAL A 54 -13.99 -9.30 -7.62
C VAL A 54 -15.15 -8.78 -8.47
N ARG A 55 -15.27 -9.30 -9.69
CA ARG A 55 -16.28 -8.80 -10.61
C ARG A 55 -17.69 -9.25 -10.17
N ALA A 56 -17.81 -10.46 -9.64
CA ALA A 56 -19.12 -11.00 -9.19
C ALA A 56 -19.72 -10.22 -8.03
N ASN A 57 -18.84 -9.75 -7.13
CA ASN A 57 -19.28 -9.03 -5.96
C ASN A 57 -19.12 -7.52 -6.08
N GLY A 58 -18.67 -7.04 -7.24
CA GLY A 58 -18.55 -5.62 -7.48
C GLY A 58 -17.51 -4.95 -6.55
N LEU A 59 -16.45 -5.69 -6.20
CA LEU A 59 -15.45 -5.19 -5.21
C LEU A 59 -14.57 -4.13 -5.82
N LYS A 60 -14.31 -3.07 -5.05
CA LYS A 60 -13.24 -2.11 -5.33
C LYS A 60 -11.97 -2.66 -4.72
N LEU A 61 -10.85 -2.51 -5.42
CA LEU A 61 -9.53 -2.74 -4.84
C LEU A 61 -8.87 -1.39 -4.63
N THR A 62 -8.65 -1.03 -3.38
CA THR A 62 -7.98 0.26 -3.10
C THR A 62 -6.49 0.19 -3.46
N GLY A 63 -5.96 -1.04 -3.55
CA GLY A 63 -4.61 -1.29 -3.97
C GLY A 63 -4.38 -2.76 -4.21
N LEU A 64 -3.29 -3.08 -4.90
CA LEU A 64 -2.71 -4.43 -4.89
C LEU A 64 -1.32 -4.28 -4.24
N CYS A 65 -1.05 -5.12 -3.24
CA CYS A 65 0.23 -5.12 -2.56
C CYS A 65 1.07 -6.32 -2.97
N ARG A 66 2.26 -6.14 -3.54
CA ARG A 66 2.89 -4.88 -3.89
C ARG A 66 3.92 -5.13 -4.96
N GLY A 67 4.27 -4.07 -5.69
CA GLY A 67 5.46 -4.04 -6.50
C GLY A 67 6.57 -3.31 -5.74
N GLY A 68 7.60 -2.96 -6.48
CA GLY A 68 8.77 -2.28 -5.95
C GLY A 68 10.00 -3.15 -5.98
N PHE A 69 10.74 -3.09 -4.88
CA PHE A 69 11.98 -3.86 -4.69
C PHE A 69 12.93 -3.72 -5.85
N PHE A 70 13.26 -2.45 -6.15
CA PHE A 70 14.08 -2.14 -7.32
C PHE A 70 15.60 -2.28 -7.19
N PRO A 71 16.20 -1.85 -6.06
CA PRO A 71 17.68 -1.88 -6.08
C PRO A 71 18.23 -3.29 -6.09
N ALA A 72 19.32 -3.47 -6.84
CA ALA A 72 20.03 -4.75 -6.90
C ALA A 72 21.44 -4.44 -7.33
N PRO A 73 22.38 -5.34 -7.01
CA PRO A 73 23.78 -5.07 -7.27
C PRO A 73 24.20 -5.09 -8.73
N ASP A 74 23.36 -5.64 -9.62
CA ASP A 74 23.72 -5.66 -11.03
C ASP A 74 22.51 -5.42 -11.93
N ALA A 75 22.78 -5.17 -13.19
CA ALA A 75 21.75 -4.85 -14.16
C ALA A 75 20.74 -5.97 -14.33
N SER A 76 21.23 -7.20 -14.33
CA SER A 76 20.33 -8.34 -14.46
CA SER A 76 20.34 -8.35 -14.46
CA SER A 76 20.34 -8.33 -14.47
C SER A 76 19.34 -8.38 -13.30
N GLY A 77 19.83 -8.19 -12.08
CA GLY A 77 18.94 -8.15 -10.97
C GLY A 77 17.98 -7.00 -10.97
N ARG A 78 18.45 -5.83 -11.38
CA ARG A 78 17.53 -4.69 -11.47
C ARG A 78 16.44 -4.95 -12.50
N GLU A 79 16.82 -5.53 -13.64
CA GLU A 79 15.82 -5.79 -14.69
C GLU A 79 14.85 -6.89 -14.24
N LYS A 80 15.36 -7.90 -13.51
CA LYS A 80 14.46 -8.92 -12.94
C LYS A 80 13.38 -8.27 -12.07
N ALA A 81 13.77 -7.31 -11.26
CA ALA A 81 12.81 -6.61 -10.42
C ALA A 81 11.83 -5.80 -11.25
N ILE A 82 12.34 -5.05 -12.24
CA ILE A 82 11.47 -4.25 -13.11
C ILE A 82 10.46 -5.16 -13.80
N ASP A 83 10.92 -6.29 -14.32
CA ASP A 83 10.04 -7.19 -15.02
C ASP A 83 8.98 -7.77 -14.10
N ASP A 84 9.33 -8.13 -12.85
N ASP A 84 9.31 -8.10 -12.86
CA ASP A 84 8.33 -8.52 -11.85
CA ASP A 84 8.29 -8.56 -11.96
C ASP A 84 7.26 -7.46 -11.65
C ASP A 84 7.26 -7.46 -11.57
N ASN A 85 7.65 -6.17 -11.65
CA ASN A 85 6.70 -5.12 -11.50
C ASN A 85 5.72 -5.07 -12.68
N ARG A 86 6.22 -5.41 -13.87
CA ARG A 86 5.30 -5.49 -15.03
C ARG A 86 4.26 -6.58 -14.81
N ARG A 87 4.66 -7.72 -14.24
CA ARG A 87 3.71 -8.75 -13.89
C ARG A 87 2.70 -8.25 -12.84
N ALA A 88 3.21 -7.50 -11.83
CA ALA A 88 2.36 -6.95 -10.83
C ALA A 88 1.32 -6.00 -11.42
N VAL A 89 1.74 -5.19 -12.41
CA VAL A 89 0.83 -4.31 -13.12
C VAL A 89 -0.23 -5.12 -13.83
N ASP A 90 0.17 -6.22 -14.48
CA ASP A 90 -0.80 -7.05 -15.19
C ASP A 90 -1.86 -7.62 -14.22
N GLU A 91 -1.40 -8.06 -13.05
CA GLU A 91 -2.26 -8.55 -12.00
C GLU A 91 -3.24 -7.46 -11.53
N ALA A 92 -2.71 -6.27 -11.25
CA ALA A 92 -3.53 -5.17 -10.84
C ALA A 92 -4.59 -4.84 -11.86
N ALA A 93 -4.20 -4.83 -13.12
CA ALA A 93 -5.13 -4.53 -14.23
C ALA A 93 -6.25 -5.56 -14.27
N GLU A 94 -5.90 -6.84 -14.15
CA GLU A 94 -6.92 -7.89 -14.22
CA GLU A 94 -6.90 -7.92 -14.18
C GLU A 94 -7.93 -7.76 -13.06
N LEU A 95 -7.46 -7.34 -11.88
CA LEU A 95 -8.31 -7.18 -10.72
C LEU A 95 -9.01 -5.82 -10.63
N GLY A 96 -8.74 -4.91 -11.58
CA GLY A 96 -9.28 -3.57 -11.56
C GLY A 96 -8.81 -2.72 -10.38
N ALA A 97 -7.61 -2.99 -9.90
CA ALA A 97 -7.08 -2.25 -8.75
C ALA A 97 -6.93 -0.74 -9.01
N ASP A 98 -7.29 0.06 -8.00
CA ASP A 98 -7.17 1.50 -8.12
C ASP A 98 -5.71 1.97 -8.21
N CYS A 99 -4.79 1.17 -7.66
CA CYS A 99 -3.37 1.41 -7.84
C CYS A 99 -2.61 0.14 -7.54
N LEU A 100 -1.35 0.13 -7.99
CA LEU A 100 -0.36 -0.85 -7.54
C LEU A 100 0.54 -0.15 -6.53
N VAL A 101 0.56 -0.66 -5.32
CA VAL A 101 1.41 -0.08 -4.28
C VAL A 101 2.86 -0.50 -4.51
N LEU A 102 3.81 0.45 -4.38
CA LEU A 102 5.20 0.18 -4.60
C LEU A 102 5.97 0.37 -3.29
N VAL A 103 6.58 -0.71 -2.84
CA VAL A 103 7.48 -0.73 -1.68
C VAL A 103 8.88 -0.79 -2.24
N ALA A 104 9.65 0.30 -2.08
CA ALA A 104 10.77 0.64 -2.98
C ALA A 104 11.90 -0.38 -3.07
N GLY A 105 12.14 -1.11 -1.98
CA GLY A 105 13.33 -1.92 -1.82
C GLY A 105 14.38 -1.17 -1.03
N GLY A 106 15.16 -1.93 -0.29
CA GLY A 106 16.29 -1.39 0.48
C GLY A 106 17.59 -1.34 -0.33
N LEU A 107 18.68 -1.22 0.39
CA LEU A 107 20.00 -1.21 -0.22
C LEU A 107 20.25 -2.53 -0.96
N PRO A 108 20.95 -2.48 -2.09
CA PRO A 108 21.47 -3.69 -2.70
C PRO A 108 22.39 -4.40 -1.74
N GLY A 109 22.42 -5.71 -1.74
CA GLY A 109 23.27 -6.40 -0.77
C GLY A 109 24.73 -5.93 -0.77
N GLY A 110 25.27 -5.70 0.41
N GLY A 110 25.24 -5.70 0.42
CA GLY A 110 26.64 -5.23 0.56
CA GLY A 110 26.61 -5.19 0.67
C GLY A 110 26.93 -3.82 0.05
C GLY A 110 26.80 -3.67 0.58
N SER A 111 25.89 -2.99 -0.08
CA SER A 111 26.11 -1.60 -0.37
C SER A 111 25.74 -0.71 0.80
N LYS A 112 26.45 0.41 0.89
CA LYS A 112 26.15 1.50 1.82
C LYS A 112 25.66 2.73 1.07
N ASN A 113 25.49 2.60 -0.25
CA ASN A 113 25.26 3.75 -1.09
C ASN A 113 23.75 4.01 -1.18
N ILE A 114 23.22 4.67 -0.17
CA ILE A 114 21.78 4.90 -0.07
C ILE A 114 21.30 5.84 -1.18
N ASP A 115 22.11 6.82 -1.57
CA ASP A 115 21.71 7.66 -2.68
C ASP A 115 21.59 6.89 -3.99
N ALA A 116 22.53 5.98 -4.25
CA ALA A 116 22.48 5.15 -5.45
C ALA A 116 21.27 4.25 -5.43
N ALA A 117 20.98 3.67 -4.27
CA ALA A 117 19.77 2.82 -4.15
C ALA A 117 18.54 3.64 -4.55
N ARG A 118 18.47 4.86 -4.08
CA ARG A 118 17.34 5.72 -4.38
C ARG A 118 17.28 6.07 -5.87
N ARG A 119 18.45 6.31 -6.49
CA ARG A 119 18.47 6.49 -7.95
C ARG A 119 17.91 5.25 -8.66
N VAL A 121 15.69 3.19 -7.57
CA VAL A 121 14.22 3.28 -7.40
C VAL A 121 13.59 4.17 -8.45
N VAL A 122 14.16 5.37 -8.61
CA VAL A 122 13.60 6.30 -9.61
C VAL A 122 13.69 5.67 -11.02
N GLU A 123 14.84 5.12 -11.36
CA GLU A 123 15.04 4.50 -12.66
C GLU A 123 14.11 3.30 -12.86
N GLY A 124 13.89 2.54 -11.80
CA GLY A 124 13.04 1.36 -11.86
C GLY A 124 11.59 1.74 -12.11
N ILE A 125 11.10 2.73 -11.35
CA ILE A 125 9.74 3.26 -11.57
C ILE A 125 9.58 3.79 -12.97
N ALA A 126 10.58 4.52 -13.44
CA ALA A 126 10.54 5.05 -14.80
C ALA A 126 10.45 3.94 -15.85
N ALA A 127 11.12 2.81 -15.58
CA ALA A 127 11.13 1.67 -16.49
C ALA A 127 9.77 0.97 -16.54
N VAL A 128 9.07 0.95 -15.41
CA VAL A 128 7.77 0.31 -15.28
C VAL A 128 6.63 1.20 -15.79
N LEU A 129 6.80 2.52 -15.71
N LEU A 129 6.79 2.51 -15.68
CA LEU A 129 5.69 3.44 -15.94
CA LEU A 129 5.69 3.43 -15.95
C LEU A 129 5.01 3.32 -17.30
C LEU A 129 5.00 3.20 -17.29
N PRO A 130 5.78 3.05 -18.39
CA PRO A 130 5.03 2.88 -19.67
C PRO A 130 4.09 1.67 -19.67
N HIS A 131 4.53 0.58 -19.02
CA HIS A 131 3.70 -0.58 -18.90
C HIS A 131 2.46 -0.29 -18.07
N ALA A 132 2.66 0.42 -16.96
N ALA A 132 2.64 0.42 -16.96
CA ALA A 132 1.56 0.77 -16.09
CA ALA A 132 1.54 0.76 -16.09
C ALA A 132 0.56 1.71 -16.79
C ALA A 132 0.55 1.72 -16.78
N ARG A 133 1.09 2.71 -17.47
CA ARG A 133 0.21 3.68 -18.16
CA ARG A 133 0.26 3.70 -18.20
C ARG A 133 -0.60 2.99 -19.26
N ALA A 134 0.03 2.09 -20.01
CA ALA A 134 -0.67 1.33 -21.06
C ALA A 134 -1.76 0.43 -20.48
N ALA A 135 -1.54 -0.13 -19.28
CA ALA A 135 -2.50 -0.97 -18.59
C ALA A 135 -3.59 -0.23 -17.86
N GLY A 136 -3.45 1.10 -17.72
CA GLY A 136 -4.37 1.87 -16.90
C GLY A 136 -4.23 1.66 -15.39
N VAL A 137 -3.01 1.37 -14.93
CA VAL A 137 -2.76 1.06 -13.51
C VAL A 137 -1.89 2.20 -12.90
N PRO A 138 -2.50 3.06 -12.07
CA PRO A 138 -1.68 4.08 -11.35
C PRO A 138 -0.67 3.40 -10.46
N LEU A 139 0.54 3.95 -10.44
CA LEU A 139 1.58 3.44 -9.54
C LEU A 139 1.58 4.31 -8.30
N ALA A 140 1.47 3.71 -7.13
CA ALA A 140 1.44 4.44 -5.87
C ALA A 140 2.71 4.17 -5.10
N ILE A 141 3.62 5.13 -5.11
CA ILE A 141 4.82 5.05 -4.26
C ILE A 141 4.37 5.20 -2.82
N GLU A 142 4.70 4.20 -2.02
N GLU A 142 4.69 4.21 -1.99
CA GLU A 142 4.37 4.23 -0.58
CA GLU A 142 4.31 4.25 -0.57
C GLU A 142 5.65 4.59 0.18
C GLU A 142 5.55 4.57 0.27
N PRO A 143 5.77 5.85 0.64
CA PRO A 143 6.91 6.08 1.56
C PRO A 143 6.73 5.18 2.78
N LEU A 144 7.83 4.56 3.21
CA LEU A 144 7.82 3.61 4.31
C LEU A 144 8.53 4.25 5.49
N HIS A 145 8.15 3.79 6.69
CA HIS A 145 8.75 4.27 7.89
C HIS A 145 10.27 4.22 7.74
N PRO A 146 10.96 5.24 8.24
CA PRO A 146 12.41 5.23 8.18
C PRO A 146 13.10 4.00 8.75
N TYR A 148 12.55 1.10 8.06
CA TYR A 148 12.64 0.14 6.98
C TYR A 148 13.65 0.50 5.89
N ALA A 149 14.36 1.62 6.05
CA ALA A 149 15.19 2.17 4.98
C ALA A 149 16.23 1.22 4.43
N ALA A 150 16.89 0.46 5.31
CA ALA A 150 18.04 -0.32 4.87
C ALA A 150 17.68 -1.56 4.08
N ASP A 151 16.57 -2.18 4.46
CA ASP A 151 16.30 -3.53 4.00
C ASP A 151 14.92 -3.78 3.41
N ARG A 152 14.06 -2.76 3.37
CA ARG A 152 12.73 -2.92 2.76
CA ARG A 152 12.74 -2.90 2.79
C ARG A 152 12.36 -1.81 1.80
N ALA A 153 12.61 -0.55 2.13
CA ALA A 153 12.22 0.58 1.26
C ALA A 153 13.00 1.78 1.62
N CYS A 154 13.75 2.28 0.64
CA CYS A 154 14.55 3.49 0.84
C CYS A 154 13.86 4.76 0.31
N VAL A 155 12.54 4.70 0.15
CA VAL A 155 11.71 5.92 -0.02
C VAL A 155 11.01 6.04 1.33
N ASN A 156 11.45 7.06 2.11
CA ASN A 156 11.13 7.15 3.52
C ASN A 156 10.42 8.39 4.01
N THR A 157 10.14 9.36 3.12
CA THR A 157 9.34 10.52 3.50
C THR A 157 8.35 10.82 2.39
N LEU A 158 7.20 11.37 2.75
CA LEU A 158 6.24 11.77 1.75
C LEU A 158 6.85 12.83 0.82
N GLY A 159 7.64 13.77 1.34
CA GLY A 159 8.29 14.76 0.53
C GLY A 159 9.19 14.15 -0.55
N GLN A 160 9.96 13.14 -0.17
CA GLN A 160 10.82 12.45 -1.09
C GLN A 160 9.97 11.72 -2.14
N ALA A 161 8.92 11.02 -1.69
CA ALA A 161 8.03 10.32 -2.63
C ALA A 161 7.47 11.29 -3.66
N LEU A 162 7.02 12.43 -3.18
CA LEU A 162 6.49 13.46 -4.08
C LEU A 162 7.55 14.04 -5.02
N ASP A 163 8.78 14.21 -4.55
CA ASP A 163 9.89 14.61 -5.41
C ASP A 163 10.06 13.63 -6.57
N ILE A 164 9.93 12.34 -6.30
CA ILE A 164 10.05 11.36 -7.34
C ILE A 164 8.87 11.46 -8.30
N CYS A 165 7.66 11.65 -7.78
CA CYS A 165 6.45 11.84 -8.62
C CYS A 165 6.65 13.01 -9.54
N GLU A 166 7.21 14.09 -9.03
CA GLU A 166 7.43 15.26 -9.90
CA GLU A 166 7.44 15.29 -9.86
C GLU A 166 8.45 14.99 -10.98
N THR A 167 9.47 14.20 -10.70
CA THR A 167 10.54 13.88 -11.65
C THR A 167 10.02 12.98 -12.77
N LEU A 168 9.13 12.07 -12.40
CA LEU A 168 8.74 11.01 -13.33
C LEU A 168 7.53 11.35 -14.14
N GLY A 169 6.66 12.19 -13.58
CA GLY A 169 5.52 12.68 -14.31
C GLY A 169 4.26 11.86 -14.17
N PRO A 170 3.43 11.87 -15.22
CA PRO A 170 2.06 11.35 -15.02
C PRO A 170 2.02 9.85 -14.86
N GLY A 171 1.05 9.37 -14.08
CA GLY A 171 0.89 7.92 -13.85
C GLY A 171 1.44 7.37 -12.56
N VAL A 172 2.09 8.28 -11.81
CA VAL A 172 2.67 7.89 -10.54
CA VAL A 172 2.76 7.97 -10.56
C VAL A 172 2.23 8.89 -9.47
N GLY A 173 1.76 8.32 -8.35
CA GLY A 173 1.33 9.09 -7.21
C GLY A 173 1.84 8.46 -5.93
N VAL A 174 1.12 8.71 -4.84
CA VAL A 174 1.54 8.24 -3.52
C VAL A 174 0.43 7.50 -2.78
N ALA A 175 0.83 6.51 -1.98
CA ALA A 175 -0.01 5.91 -0.97
C ALA A 175 0.46 6.43 0.38
N ILE A 176 -0.47 7.03 1.09
CA ILE A 176 -0.18 7.64 2.40
C ILE A 176 -0.66 6.71 3.50
N ASP A 177 0.28 6.04 4.15
CA ASP A 177 0.01 5.07 5.21
C ASP A 177 0.42 5.72 6.51
N VAL A 178 -0.54 5.91 7.39
CA VAL A 178 -0.29 6.66 8.63
C VAL A 178 0.84 6.04 9.43
N TYR A 179 1.03 4.73 9.34
CA TYR A 179 2.09 4.08 10.10
C TYR A 179 3.45 4.62 9.69
N HIS A 180 3.60 4.87 8.40
CA HIS A 180 4.88 5.23 7.83
C HIS A 180 5.18 6.72 7.93
N VAL A 181 4.13 7.55 8.01
CA VAL A 181 4.31 9.00 7.87
C VAL A 181 3.87 9.87 9.07
N TRP A 182 3.17 9.29 10.05
CA TRP A 182 2.50 10.09 11.08
C TRP A 182 3.46 11.04 11.83
N TRP A 183 4.71 10.59 11.98
CA TRP A 183 5.76 11.26 12.75
C TRP A 183 6.39 12.43 12.03
N ASP A 184 6.16 12.56 10.72
CA ASP A 184 6.93 13.48 9.92
C ASP A 184 6.60 14.92 10.29
N PRO A 185 7.60 15.71 10.74
CA PRO A 185 7.28 17.05 11.16
C PRO A 185 6.72 17.92 10.06
N ASP A 186 6.99 17.56 8.82
CA ASP A 186 6.48 18.35 7.69
C ASP A 186 5.25 17.72 7.02
N LEU A 187 4.56 16.83 7.75
CA LEU A 187 3.45 16.06 7.17
C LEU A 187 2.33 16.93 6.63
N ALA A 188 1.93 17.96 7.38
CA ALA A 188 0.83 18.82 6.90
C ALA A 188 1.15 19.48 5.57
N ASN A 189 2.33 20.05 5.42
CA ASN A 189 2.69 20.70 4.17
C ASN A 189 2.79 19.68 3.05
N GLN A 190 3.30 18.48 3.33
CA GLN A 190 3.47 17.49 2.26
C GLN A 190 2.15 16.88 1.83
N ILE A 191 1.19 16.72 2.75
CA ILE A 191 -0.17 16.30 2.35
C ILE A 191 -0.79 17.35 1.44
N ALA A 192 -0.68 18.62 1.81
CA ALA A 192 -1.22 19.72 1.01
C ALA A 192 -0.56 19.73 -0.36
N ARG A 193 0.76 19.54 -0.39
CA ARG A 193 1.54 19.45 -1.64
C ARG A 193 1.05 18.30 -2.53
N ALA A 194 0.84 17.12 -1.93
CA ALA A 194 0.33 15.95 -2.64
C ALA A 194 -1.00 16.27 -3.31
N GLY A 195 -1.84 17.00 -2.59
CA GLY A 195 -3.16 17.36 -3.10
C GLY A 195 -3.03 18.28 -4.30
N LYS A 196 -2.15 19.27 -4.20
CA LYS A 196 -1.92 20.19 -5.35
C LYS A 196 -1.40 19.49 -6.59
N LYS A 198 -2.28 16.50 -7.30
CA LYS A 198 -3.28 15.45 -7.61
C LYS A 198 -2.67 14.06 -7.52
N ALA A 199 -1.78 13.88 -6.53
CA ALA A 199 -0.96 12.66 -6.45
C ALA A 199 -1.46 11.63 -5.45
N ILE A 200 -2.49 11.94 -4.64
CA ILE A 200 -2.90 11.01 -3.56
C ILE A 200 -3.73 9.89 -4.17
N LEU A 201 -3.23 8.67 -4.06
CA LEU A 201 -3.91 7.50 -4.61
C LEU A 201 -4.49 6.56 -3.57
N ALA A 202 -3.99 6.59 -2.33
CA ALA A 202 -4.48 5.69 -1.31
C ALA A 202 -4.16 6.27 0.04
N HIS A 203 -4.94 5.82 1.02
CA HIS A 203 -4.81 6.22 2.43
C HIS A 203 -4.96 4.98 3.27
N HIS A 204 -3.88 4.58 3.93
CA HIS A 204 -3.88 3.39 4.77
C HIS A 204 -3.93 3.80 6.22
N ILE A 205 -4.76 3.08 6.98
CA ILE A 205 -4.96 3.36 8.39
C ILE A 205 -4.68 2.16 9.30
N CYS A 206 -4.34 2.51 10.55
CA CYS A 206 -3.86 1.61 11.60
C CYS A 206 -3.38 2.59 12.69
N ASP A 207 -2.63 2.10 13.66
CA ASP A 207 -2.14 2.97 14.69
C ASP A 207 -0.73 2.62 15.13
N TRP A 208 -0.09 3.60 15.77
CA TRP A 208 1.23 3.46 16.34
C TRP A 208 1.11 3.28 17.84
N LEU A 209 1.45 2.09 18.31
CA LEU A 209 1.28 1.75 19.74
C LEU A 209 2.41 2.28 20.59
N VAL A 210 2.07 2.54 21.86
CA VAL A 210 3.07 2.88 22.87
C VAL A 210 2.97 1.85 24.02
N PRO A 211 3.98 0.99 24.17
CA PRO A 211 5.16 0.82 23.33
C PRO A 211 4.82 0.05 22.06
N THR A 212 5.70 0.21 21.07
CA THR A 212 5.70 -0.68 19.92
C THR A 212 6.68 -1.80 20.19
N LYS A 213 6.19 -3.03 20.02
CA LYS A 213 6.88 -4.24 20.52
C LYS A 213 7.61 -5.04 19.45
N ASP A 214 7.52 -4.60 18.20
CA ASP A 214 8.16 -5.28 17.10
C ASP A 214 8.21 -4.25 15.98
N LEU A 216 7.92 -4.78 12.79
CA LEU A 216 7.11 -5.12 11.63
C LEU A 216 5.70 -5.53 11.96
N THR A 217 5.53 -6.38 13.00
CA THR A 217 4.23 -7.01 13.22
C THR A 217 3.53 -6.59 14.51
N ASP A 218 3.69 -5.32 14.89
CA ASP A 218 2.93 -4.76 16.01
C ASP A 218 2.27 -3.41 15.69
N ARG A 219 1.72 -3.31 14.49
CA ARG A 219 0.80 -2.21 14.19
C ARG A 219 -0.42 -2.30 15.08
N GLY A 220 -0.99 -1.15 15.42
CA GLY A 220 -2.17 -1.06 16.27
C GLY A 220 -3.46 -0.97 15.49
N GLY A 223 -7.12 3.71 17.12
CA GLY A 223 -7.58 4.14 18.44
C GLY A 223 -6.85 3.51 19.62
N ASP A 224 -6.07 2.46 19.38
CA ASP A 224 -5.30 1.84 20.44
C ASP A 224 -3.96 2.52 20.60
N GLY A 225 -3.59 3.38 19.63
CA GLY A 225 -2.29 4.07 19.67
C GLY A 225 -2.44 5.58 19.72
N VAL A 226 -1.42 6.27 19.19
CA VAL A 226 -1.25 7.71 19.38
C VAL A 226 -1.40 8.56 18.16
N ILE A 227 -1.71 7.97 17.01
CA ILE A 227 -1.80 8.77 15.78
C ILE A 227 -3.06 9.60 15.77
N ASP A 228 -2.94 10.86 15.37
CA ASP A 228 -4.09 11.73 15.19
C ASP A 228 -4.73 11.39 13.85
N LEU A 229 -5.42 10.22 13.83
CA LEU A 229 -6.03 9.69 12.60
C LEU A 229 -7.03 10.70 12.03
N LYS A 230 -7.85 11.26 12.90
CA LYS A 230 -8.86 12.25 12.50
C LYS A 230 -8.21 13.42 11.79
N GLY A 231 -7.14 13.96 12.39
CA GLY A 231 -6.44 15.09 11.81
C GLY A 231 -5.79 14.82 10.45
N ILE A 232 -5.14 13.68 10.32
CA ILE A 232 -4.53 13.30 9.07
C ILE A 232 -5.64 13.17 7.99
N ARG A 233 -6.74 12.50 8.33
CA ARG A 233 -7.82 12.29 7.34
C ARG A 233 -8.40 13.61 6.93
N ARG A 234 -8.60 14.53 7.88
CA ARG A 234 -9.13 15.85 7.53
C ARG A 234 -8.21 16.56 6.54
N ARG A 235 -6.91 16.46 6.77
CA ARG A 235 -5.96 17.04 5.84
C ARG A 235 -5.95 16.36 4.48
N ILE A 236 -6.08 15.04 4.44
CA ILE A 236 -6.16 14.31 3.18
C ILE A 236 -7.43 14.70 2.36
N GLU A 237 -8.54 14.81 3.05
CA GLU A 237 -9.81 15.24 2.43
C GLU A 237 -9.70 16.70 1.95
N ALA A 238 -9.08 17.58 2.76
CA ALA A 238 -8.86 18.98 2.33
C ALA A 238 -7.96 19.10 1.11
N ALA A 239 -7.06 18.13 0.95
CA ALA A 239 -6.16 18.02 -0.17
C ALA A 239 -6.83 17.45 -1.41
N GLY A 240 -8.06 16.97 -1.27
CA GLY A 240 -8.86 16.51 -2.42
C GLY A 240 -9.00 15.02 -2.61
N PHE A 241 -8.51 14.21 -1.67
CA PHE A 241 -8.70 12.78 -1.72
C PHE A 241 -9.83 12.32 -0.78
N HIS A 242 -10.84 11.69 -1.38
CA HIS A 242 -12.02 11.24 -0.66
C HIS A 242 -12.25 9.74 -0.78
N GLY A 243 -11.21 9.02 -1.24
CA GLY A 243 -11.26 7.57 -1.35
C GLY A 243 -11.33 6.85 -0.01
N ALA A 244 -11.53 5.55 -0.08
CA ALA A 244 -11.72 4.75 1.10
C ALA A 244 -10.44 4.72 1.93
N GLN A 245 -10.63 4.55 3.22
CA GLN A 245 -9.52 4.37 4.13
C GLN A 245 -9.30 2.87 4.25
N GLU A 246 -8.06 2.45 4.00
CA GLU A 246 -7.70 1.05 3.90
C GLU A 246 -7.01 0.57 5.18
N VAL A 247 -7.65 -0.30 5.93
CA VAL A 247 -7.12 -0.84 7.17
C VAL A 247 -6.05 -1.88 6.92
N GLU A 248 -4.84 -1.54 7.34
CA GLU A 248 -3.69 -2.41 7.13
C GLU A 248 -2.97 -2.58 8.45
N ILE A 249 -3.24 -3.70 9.10
CA ILE A 249 -2.70 -4.04 10.41
C ILE A 249 -1.91 -5.35 10.32
N PHE A 250 -0.65 -5.31 10.75
CA PHE A 250 0.19 -6.47 10.97
C PHE A 250 0.33 -6.63 12.48
N SER A 251 -0.28 -7.66 13.08
CA SER A 251 -0.31 -7.80 14.55
C SER A 251 -0.15 -9.26 14.96
N ALA A 252 1.09 -9.68 15.10
CA ALA A 252 1.39 -11.10 15.29
C ALA A 252 0.85 -11.62 16.61
N ASP A 253 0.84 -10.80 17.64
CA ASP A 253 0.47 -11.27 18.99
C ASP A 253 -0.91 -10.85 19.45
N ASN A 254 -1.65 -10.13 18.62
CA ASN A 254 -2.99 -9.70 18.96
C ASN A 254 -3.99 -10.00 17.83
N TRP A 255 -4.16 -9.12 16.86
CA TRP A 255 -5.27 -9.23 15.90
C TRP A 255 -5.17 -10.44 15.00
N TRP A 256 -3.96 -10.90 14.69
CA TRP A 256 -3.80 -12.10 13.87
C TRP A 256 -4.16 -13.37 14.63
N LYS A 257 -4.28 -13.28 15.96
CA LYS A 257 -4.61 -14.43 16.82
CA LYS A 257 -4.61 -14.43 16.82
C LYS A 257 -6.09 -14.45 17.19
N ARG A 258 -6.86 -13.51 16.66
CA ARG A 258 -8.28 -13.39 17.00
C ARG A 258 -9.19 -13.80 15.82
N PRO A 259 -10.45 -14.20 16.10
CA PRO A 259 -11.29 -14.60 14.97
C PRO A 259 -11.48 -13.46 13.97
N ALA A 260 -11.34 -13.78 12.69
CA ALA A 260 -11.40 -12.78 11.63
C ALA A 260 -12.67 -11.96 11.73
N ASP A 261 -13.77 -12.60 12.08
CA ASP A 261 -15.00 -11.92 12.33
C ASP A 261 -14.90 -10.76 13.35
N GLU A 262 -14.31 -11.06 14.48
CA GLU A 262 -14.12 -10.05 15.52
C GLU A 262 -13.17 -8.95 15.02
N VAL A 263 -12.14 -9.34 14.29
CA VAL A 263 -11.17 -8.31 13.82
C VAL A 263 -11.90 -7.32 12.92
N ILE A 264 -12.68 -7.82 11.95
CA ILE A 264 -13.33 -6.93 11.00
C ILE A 264 -14.45 -6.11 11.66
N ALA A 265 -15.20 -6.73 12.56
CA ALA A 265 -16.15 -6.00 13.38
C ALA A 265 -15.48 -4.84 14.11
N THR A 266 -14.30 -5.11 14.70
CA THR A 266 -13.56 -4.07 15.45
C THR A 266 -13.07 -3.01 14.47
N CYS A 267 -12.57 -3.41 13.29
CA CYS A 267 -12.20 -2.39 12.29
C CYS A 267 -13.35 -1.48 11.96
N VAL A 268 -14.56 -2.02 11.78
CA VAL A 268 -15.68 -1.14 11.46
C VAL A 268 -16.02 -0.18 12.62
N GLU A 269 -16.00 -0.68 13.85
CA GLU A 269 -16.30 0.14 15.02
C GLU A 269 -15.27 1.24 15.15
N ARG A 270 -14.00 0.87 15.02
CA ARG A 270 -12.91 1.87 15.22
C ARG A 270 -12.86 2.85 14.06
N TYR A 271 -13.15 2.39 12.86
CA TYR A 271 -13.34 3.29 11.72
C TYR A 271 -14.43 4.32 11.99
N ARG A 272 -15.58 3.87 12.50
CA ARG A 272 -16.64 4.78 12.88
C ARG A 272 -16.20 5.80 13.94
N ASN A 273 -15.47 5.36 14.96
CA ASN A 273 -15.20 6.22 16.13
C ASN A 273 -13.92 7.01 16.11
N CYS A 274 -12.90 6.47 15.47
CA CYS A 274 -11.52 6.87 15.77
C CYS A 274 -10.79 7.38 14.56
N CYS A 275 -11.48 7.64 13.45
CA CYS A 275 -10.84 7.93 12.17
CA CYS A 275 -10.80 8.00 12.21
C CYS A 275 -11.41 9.18 11.50
#